data_4GF8
#
_entry.id   4GF8
#
_cell.length_a   92.791
_cell.length_b   92.791
_cell.length_c   136.848
_cell.angle_alpha   90.00
_cell.angle_beta   90.00
_cell.angle_gamma   120.00
#
_symmetry.space_group_name_H-M   'P 32 2 1'
#
loop_
_entity.id
_entity.type
_entity.pdbx_description
1 polymer 'Peptide ABC transporter, periplasmic peptide-binding protein'
2 non-polymer 'SULFATE ION'
3 water water
#
_entity_poly.entity_id   1
_entity_poly.type   'polypeptide(L)'
_entity_poly.pdbx_seq_one_letter_code
;RSELTIVPDFYPTMVRNFNPYLATNLRTTTDFIYEPLVVFNEMKGNTPVFRLAESYKMADDLMSVTFDIRKGVKWSDGEA
FTADDVVYSFGLLKAKPELDQRGINKWVTSVEKVDEYKVRFRLSEANSNVPYEISLIPIVAEHVWKDVKDPTTFTNENPV
GTGPFTVIDTFTPQLYIQCRNPNYWDAANLEVDCLRVPQIANNDQLLGKIVNSELDWTSSFVPDIDRTYAAANPNHHYWY
PAAGTQAFMVNFKNPDPAKKEALDNVDFRRAFSMALDRQTIIDIAFYGSGTVNDFASGLGYAFEAWSDEATHKKYKGFNT
YDVEGSKKLLAKAGFKDVNGDGFVETPSGKSFELLIQSPNGWTDFNNTVQLAVEQLQEVGIKAKARTPEFAVYNQAMLEG
TYDVAYTNYFHGADPFTYWNSGYNSALQSGDGMPRFAMHYFTDKKLDGLLDSFYKTADKNEQLAIAHGIQKIIAENQVTI
PVMSGAWMYQYNTTRFTGWWSEENPKGRPSVWAGIPERLLHVLDLKPVK
;
_entity_poly.pdbx_strand_id   A
#
loop_
_chem_comp.id
_chem_comp.type
_chem_comp.name
_chem_comp.formula
SO4 non-polymer 'SULFATE ION' 'O4 S -2'
#
# COMPACT_ATOMS: atom_id res chain seq x y z
N ARG A 1 16.90 -30.90 -5.68
CA ARG A 1 16.44 -29.60 -6.25
C ARG A 1 15.04 -29.22 -5.74
N SER A 2 14.99 -28.20 -4.90
CA SER A 2 13.72 -27.71 -4.35
C SER A 2 13.14 -26.61 -5.23
N GLU A 3 11.96 -26.85 -5.78
CA GLU A 3 11.29 -25.86 -6.63
C GLU A 3 10.11 -25.24 -5.89
N LEU A 4 10.04 -23.91 -5.89
CA LEU A 4 8.96 -23.18 -5.24
C LEU A 4 8.02 -22.64 -6.32
N THR A 5 6.78 -23.10 -6.32
CA THR A 5 5.81 -22.66 -7.32
C THR A 5 5.10 -21.38 -6.94
N ILE A 6 5.35 -20.32 -7.71
CA ILE A 6 4.78 -19.00 -7.44
C ILE A 6 3.92 -18.46 -8.57
N VAL A 7 3.04 -17.53 -8.22
CA VAL A 7 2.16 -16.93 -9.22
C VAL A 7 2.10 -15.42 -8.99
N PRO A 8 3.19 -14.71 -9.33
CA PRO A 8 3.13 -13.26 -9.12
C PRO A 8 2.15 -12.59 -10.08
N ASP A 9 1.85 -13.25 -11.21
CA ASP A 9 0.94 -12.67 -12.17
C ASP A 9 0.35 -13.69 -13.14
N PHE A 10 -0.78 -13.32 -13.75
CA PHE A 10 -1.46 -14.19 -14.72
C PHE A 10 -1.01 -13.80 -16.11
N TYR A 11 -0.97 -14.77 -17.02
CA TYR A 11 -0.59 -14.53 -18.40
C TYR A 11 -1.33 -15.54 -19.26
N PRO A 12 -1.61 -15.19 -20.53
CA PRO A 12 -2.30 -16.12 -21.43
C PRO A 12 -1.26 -17.12 -21.93
N THR A 13 -0.01 -16.67 -21.96
CA THR A 13 1.11 -17.49 -22.39
C THR A 13 2.41 -16.83 -21.92
N MET A 14 3.48 -17.60 -21.83
CA MET A 14 4.74 -17.04 -21.37
C MET A 14 5.60 -16.47 -22.50
N VAL A 15 5.86 -15.16 -22.44
CA VAL A 15 6.70 -14.49 -23.43
C VAL A 15 7.99 -14.11 -22.69
N ARG A 16 9.11 -14.58 -23.22
CA ARG A 16 10.42 -14.37 -22.60
C ARG A 16 10.94 -12.93 -22.60
N ASN A 17 10.59 -12.18 -21.57
CA ASN A 17 11.06 -10.80 -21.46
C ASN A 17 11.38 -10.46 -20.01
N PHE A 18 12.67 -10.28 -19.73
CA PHE A 18 13.13 -9.94 -18.39
C PHE A 18 13.74 -8.54 -18.36
N ASN A 19 13.16 -7.61 -19.12
CA ASN A 19 13.66 -6.24 -19.12
C ASN A 19 12.95 -5.56 -17.95
N PRO A 20 13.70 -5.21 -16.91
CA PRO A 20 13.13 -4.56 -15.72
C PRO A 20 12.53 -3.19 -15.98
N TYR A 21 12.85 -2.59 -17.12
CA TYR A 21 12.34 -1.25 -17.45
C TYR A 21 11.14 -1.20 -18.39
N LEU A 22 10.57 -2.35 -18.74
CA LEU A 22 9.41 -2.37 -19.63
C LEU A 22 8.16 -2.62 -18.81
N ALA A 23 7.09 -1.91 -19.11
CA ALA A 23 5.82 -2.06 -18.40
C ALA A 23 5.34 -3.50 -18.56
N THR A 24 5.42 -4.01 -19.78
CA THR A 24 5.00 -5.38 -20.06
C THR A 24 6.21 -6.30 -20.07
N ASN A 25 6.33 -7.12 -19.03
CA ASN A 25 7.43 -8.06 -18.90
C ASN A 25 7.04 -9.19 -17.94
N LEU A 26 8.01 -10.03 -17.61
CA LEU A 26 7.77 -11.13 -16.69
C LEU A 26 7.91 -10.62 -15.25
N ARG A 27 6.92 -10.91 -14.42
CA ARG A 27 6.89 -10.43 -13.03
C ARG A 27 7.85 -11.08 -12.04
N THR A 28 8.91 -11.71 -12.52
CA THR A 28 9.88 -12.31 -11.63
C THR A 28 11.26 -11.73 -11.96
N THR A 29 11.27 -10.55 -12.56
CA THR A 29 12.50 -9.89 -12.97
C THR A 29 13.06 -9.01 -11.86
N THR A 30 12.23 -8.10 -11.37
CA THR A 30 12.64 -7.23 -10.28
C THR A 30 12.70 -8.07 -9.01
N ASP A 31 13.66 -7.72 -8.16
CA ASP A 31 13.92 -8.39 -6.89
C ASP A 31 14.61 -9.76 -7.09
N PHE A 32 14.06 -10.65 -7.91
CA PHE A 32 14.68 -11.97 -8.10
C PHE A 32 15.91 -12.02 -9.02
N ILE A 33 15.89 -11.21 -10.07
CA ILE A 33 16.99 -11.14 -11.02
C ILE A 33 17.88 -9.96 -10.63
N TYR A 34 17.25 -8.80 -10.43
CA TYR A 34 18.00 -7.61 -10.03
C TYR A 34 17.68 -7.22 -8.59
N GLU A 35 18.66 -7.42 -7.72
CA GLU A 35 18.50 -7.12 -6.31
C GLU A 35 18.69 -5.63 -6.04
N PRO A 36 17.83 -5.05 -5.19
CA PRO A 36 17.97 -3.63 -4.88
C PRO A 36 19.12 -3.34 -3.93
N LEU A 37 19.47 -2.07 -3.79
CA LEU A 37 20.54 -1.67 -2.91
C LEU A 37 20.03 -1.88 -1.50
N VAL A 38 18.74 -1.59 -1.32
CA VAL A 38 18.08 -1.73 -0.04
C VAL A 38 16.60 -2.07 -0.23
N VAL A 39 16.08 -2.93 0.62
CA VAL A 39 14.67 -3.23 0.55
C VAL A 39 14.12 -2.72 1.87
N PHE A 40 13.15 -1.81 1.77
CA PHE A 40 12.53 -1.24 2.95
C PHE A 40 11.38 -2.14 3.39
N ASN A 41 11.37 -2.48 4.67
CA ASN A 41 10.32 -3.33 5.20
C ASN A 41 9.21 -2.42 5.70
N GLU A 42 8.29 -2.10 4.81
CA GLU A 42 7.18 -1.19 5.08
C GLU A 42 6.29 -1.54 6.27
N MET A 43 6.01 -2.83 6.47
CA MET A 43 5.16 -3.24 7.58
C MET A 43 5.83 -2.92 8.93
N LYS A 44 7.15 -2.83 8.92
CA LYS A 44 7.90 -2.55 10.13
C LYS A 44 8.50 -1.16 10.20
N GLY A 45 7.65 -0.15 10.19
CA GLY A 45 8.12 1.22 10.26
C GLY A 45 8.94 1.65 9.07
N ASN A 46 8.92 0.84 8.03
CA ASN A 46 9.65 1.15 6.82
C ASN A 46 11.14 1.18 7.12
N THR A 47 11.59 0.19 7.88
CA THR A 47 12.99 0.06 8.25
C THR A 47 13.76 -0.51 7.08
N PRO A 48 14.91 0.09 6.73
CA PRO A 48 15.66 -0.45 5.59
C PRO A 48 16.45 -1.71 5.90
N VAL A 49 16.43 -2.65 4.97
CA VAL A 49 17.18 -3.89 5.13
C VAL A 49 18.25 -3.81 4.04
N PHE A 50 19.51 -3.75 4.46
CA PHE A 50 20.61 -3.61 3.51
C PHE A 50 20.99 -4.83 2.71
N ARG A 51 20.97 -4.68 1.39
CA ARG A 51 21.30 -5.76 0.49
C ARG A 51 22.57 -5.42 -0.30
N LEU A 52 22.43 -5.04 -1.57
CA LEU A 52 23.60 -4.70 -2.38
C LEU A 52 24.44 -3.56 -1.80
N ALA A 53 23.79 -2.65 -1.09
CA ALA A 53 24.50 -1.55 -0.45
C ALA A 53 24.54 -1.87 1.04
N GLU A 54 25.59 -1.43 1.73
CA GLU A 54 25.71 -1.68 3.17
C GLU A 54 25.12 -0.55 4.00
N SER A 55 25.15 0.66 3.45
CA SER A 55 24.63 1.81 4.15
C SER A 55 24.45 3.03 3.24
N TYR A 56 23.70 4.01 3.72
CA TYR A 56 23.50 5.23 2.98
C TYR A 56 23.44 6.36 3.99
N LYS A 57 23.78 7.56 3.56
CA LYS A 57 23.78 8.71 4.45
C LYS A 57 23.38 9.98 3.71
N MET A 58 22.31 10.63 4.15
CA MET A 58 21.89 11.87 3.51
C MET A 58 22.68 13.02 4.11
N ALA A 59 22.87 14.09 3.34
CA ALA A 59 23.59 15.24 3.85
C ALA A 59 22.62 15.88 4.85
N ASP A 60 23.13 16.71 5.75
CA ASP A 60 22.25 17.35 6.72
C ASP A 60 21.35 18.33 6.00
N ASP A 61 21.79 18.77 4.82
CA ASP A 61 21.01 19.70 4.03
C ASP A 61 20.01 18.95 3.16
N LEU A 62 20.04 17.62 3.28
CA LEU A 62 19.14 16.73 2.56
C LEU A 62 19.04 16.91 1.03
N MET A 63 20.04 17.55 0.42
CA MET A 63 20.09 17.76 -1.04
C MET A 63 20.84 16.65 -1.74
N SER A 64 21.37 15.70 -0.99
CA SER A 64 22.13 14.62 -1.59
C SER A 64 22.19 13.43 -0.65
N VAL A 65 22.47 12.27 -1.21
CA VAL A 65 22.59 11.08 -0.39
C VAL A 65 23.61 10.16 -1.03
N THR A 66 24.41 9.50 -0.20
CA THR A 66 25.42 8.60 -0.71
C THR A 66 25.14 7.18 -0.23
N PHE A 67 25.46 6.18 -1.05
CA PHE A 67 25.28 4.78 -0.68
C PHE A 67 26.66 4.10 -0.74
N ASP A 68 26.92 3.20 0.20
CA ASP A 68 28.17 2.45 0.20
C ASP A 68 27.82 1.08 -0.35
N ILE A 69 28.42 0.73 -1.48
CA ILE A 69 28.16 -0.54 -2.11
C ILE A 69 28.88 -1.67 -1.37
N ARG A 70 28.18 -2.76 -1.12
CA ARG A 70 28.78 -3.91 -0.42
C ARG A 70 29.84 -4.51 -1.34
N LYS A 71 31.02 -4.77 -0.79
CA LYS A 71 32.11 -5.35 -1.55
C LYS A 71 31.99 -6.86 -1.65
N GLY A 72 32.43 -7.41 -2.79
CA GLY A 72 32.39 -8.85 -2.97
C GLY A 72 31.18 -9.41 -3.68
N VAL A 73 30.24 -8.57 -4.06
CA VAL A 73 29.01 -8.97 -4.75
C VAL A 73 29.27 -9.18 -6.24
N LYS A 74 28.76 -10.26 -6.81
CA LYS A 74 29.00 -10.48 -8.22
C LYS A 74 27.73 -10.65 -9.03
N TRP A 75 27.84 -10.39 -10.32
CA TRP A 75 26.73 -10.57 -11.24
C TRP A 75 26.76 -12.06 -11.54
N SER A 76 25.60 -12.65 -11.82
CA SER A 76 25.53 -14.07 -12.12
C SER A 76 26.56 -14.43 -13.19
N ASP A 77 27.13 -13.44 -13.88
CA ASP A 77 28.10 -13.87 -14.86
C ASP A 77 29.50 -13.83 -14.32
N GLY A 78 29.67 -13.44 -13.07
CA GLY A 78 31.01 -13.46 -12.55
C GLY A 78 31.64 -12.13 -12.34
N GLU A 79 31.15 -11.17 -13.11
CA GLU A 79 31.64 -9.80 -13.02
C GLU A 79 31.31 -9.17 -11.68
N ALA A 80 32.11 -8.18 -11.29
CA ALA A 80 31.90 -7.49 -10.03
C ALA A 80 30.81 -6.42 -10.12
N PHE A 81 30.02 -6.31 -9.06
CA PHE A 81 28.95 -5.29 -8.99
C PHE A 81 29.57 -4.10 -8.28
N THR A 82 29.56 -2.94 -8.91
CA THR A 82 30.17 -1.78 -8.30
C THR A 82 29.32 -0.53 -8.50
N ALA A 83 29.84 0.61 -8.05
CA ALA A 83 29.16 1.87 -8.18
C ALA A 83 28.90 2.16 -9.66
N ASP A 84 29.77 1.65 -10.53
CA ASP A 84 29.62 1.85 -11.97
C ASP A 84 28.24 1.40 -12.46
N ASP A 85 27.74 0.31 -11.89
CA ASP A 85 26.44 -0.20 -12.27
C ASP A 85 25.34 0.78 -11.86
N VAL A 86 25.40 1.25 -10.62
CA VAL A 86 24.40 2.19 -10.12
C VAL A 86 24.40 3.44 -10.99
N VAL A 87 25.59 4.02 -11.18
CA VAL A 87 25.72 5.23 -11.97
C VAL A 87 25.17 5.04 -13.38
N TYR A 88 25.50 3.93 -14.01
CA TYR A 88 25.03 3.68 -15.38
C TYR A 88 23.52 3.54 -15.46
N SER A 89 22.95 2.72 -14.56
CA SER A 89 21.50 2.49 -14.56
C SER A 89 20.71 3.79 -14.47
N PHE A 90 21.03 4.63 -13.50
CA PHE A 90 20.35 5.91 -13.35
C PHE A 90 20.60 6.88 -14.50
N GLY A 91 21.76 6.76 -15.13
CA GLY A 91 22.07 7.62 -16.25
C GLY A 91 21.21 7.22 -17.44
N LEU A 92 21.04 5.90 -17.59
CA LEU A 92 20.24 5.35 -18.67
C LEU A 92 18.81 5.87 -18.56
N LEU A 93 18.26 5.82 -17.36
CA LEU A 93 16.90 6.29 -17.14
C LEU A 93 16.77 7.79 -17.24
N LYS A 94 17.82 8.50 -16.86
CA LYS A 94 17.81 9.96 -16.93
C LYS A 94 17.78 10.39 -18.39
N ALA A 95 18.54 9.69 -19.22
CA ALA A 95 18.64 9.97 -20.64
C ALA A 95 17.48 9.45 -21.48
N LYS A 96 16.78 8.41 -21.00
CA LYS A 96 15.66 7.85 -21.74
C LYS A 96 14.51 7.67 -20.73
N PRO A 97 13.90 8.79 -20.31
CA PRO A 97 12.80 8.85 -19.33
C PRO A 97 11.64 7.87 -19.46
N GLU A 98 11.48 7.23 -20.60
CA GLU A 98 10.38 6.29 -20.74
C GLU A 98 10.76 4.97 -20.08
N LEU A 99 12.03 4.78 -19.80
CA LEU A 99 12.51 3.58 -19.14
C LEU A 99 12.35 3.76 -17.62
N ASP A 100 12.09 5.01 -17.21
CA ASP A 100 11.94 5.41 -15.82
C ASP A 100 10.46 5.31 -15.39
N GLN A 101 9.99 4.10 -15.12
CA GLN A 101 8.61 3.81 -14.75
C GLN A 101 8.13 4.50 -13.49
N ARG A 102 9.04 4.62 -12.53
CA ARG A 102 8.72 5.22 -11.24
C ARG A 102 8.84 6.73 -11.22
N GLY A 103 9.48 7.30 -12.25
CA GLY A 103 9.65 8.74 -12.28
C GLY A 103 10.66 9.22 -11.26
N ILE A 104 11.79 8.53 -11.17
CA ILE A 104 12.84 8.89 -10.23
C ILE A 104 13.59 10.15 -10.68
N ASN A 105 13.62 10.39 -11.99
CA ASN A 105 14.30 11.54 -12.59
C ASN A 105 13.82 12.86 -11.99
N LYS A 106 12.62 12.81 -11.44
CA LYS A 106 11.95 13.94 -10.82
C LYS A 106 12.73 14.39 -9.58
N TRP A 107 13.37 13.42 -8.92
CA TRP A 107 14.11 13.67 -7.69
C TRP A 107 15.63 13.72 -7.84
N VAL A 108 16.17 12.84 -8.67
CA VAL A 108 17.61 12.76 -8.86
C VAL A 108 18.14 13.53 -10.06
N THR A 109 18.92 14.57 -9.78
CA THR A 109 19.49 15.41 -10.82
C THR A 109 20.65 14.71 -11.51
N SER A 110 21.41 13.93 -10.75
CA SER A 110 22.54 13.21 -11.30
C SER A 110 23.06 12.26 -10.26
N VAL A 111 23.77 11.25 -10.72
CA VAL A 111 24.36 10.25 -9.84
C VAL A 111 25.83 10.25 -10.18
N GLU A 112 26.67 10.42 -9.16
CA GLU A 112 28.10 10.47 -9.37
C GLU A 112 28.85 9.39 -8.60
N LYS A 113 29.97 8.97 -9.17
CA LYS A 113 30.80 7.96 -8.58
C LYS A 113 31.79 8.59 -7.62
N VAL A 114 31.66 8.30 -6.33
CA VAL A 114 32.58 8.84 -5.34
C VAL A 114 33.84 7.97 -5.38
N ASP A 115 33.63 6.69 -5.64
CA ASP A 115 34.72 5.73 -5.78
C ASP A 115 34.07 4.39 -6.14
N GLU A 116 34.89 3.39 -6.42
CA GLU A 116 34.38 2.09 -6.84
C GLU A 116 33.23 1.49 -6.04
N TYR A 117 33.13 1.81 -4.75
CA TYR A 117 32.05 1.26 -3.93
C TYR A 117 31.24 2.28 -3.15
N LYS A 118 31.12 3.48 -3.71
CA LYS A 118 30.36 4.54 -3.07
C LYS A 118 29.80 5.47 -4.12
N VAL A 119 28.50 5.71 -4.05
CA VAL A 119 27.82 6.54 -5.02
C VAL A 119 27.04 7.67 -4.36
N ARG A 120 26.97 8.81 -5.03
CA ARG A 120 26.24 9.96 -4.49
C ARG A 120 25.14 10.40 -5.43
N PHE A 121 23.93 10.49 -4.91
CA PHE A 121 22.81 10.96 -5.71
C PHE A 121 22.61 12.44 -5.39
N ARG A 122 22.54 13.29 -6.40
CA ARG A 122 22.32 14.71 -6.18
C ARG A 122 20.82 14.93 -6.40
N LEU A 123 20.19 15.66 -5.48
CA LEU A 123 18.74 15.90 -5.55
C LEU A 123 18.33 17.31 -5.95
N SER A 124 17.12 17.43 -6.48
CA SER A 124 16.59 18.73 -6.92
C SER A 124 15.67 19.31 -5.87
N GLU A 125 15.70 18.76 -4.66
CA GLU A 125 14.81 19.23 -3.63
C GLU A 125 15.06 18.49 -2.32
N ALA A 126 15.01 19.22 -1.21
CA ALA A 126 15.23 18.63 0.12
C ALA A 126 14.09 17.67 0.41
N ASN A 127 14.40 16.38 0.45
CA ASN A 127 13.38 15.35 0.70
C ASN A 127 13.97 14.05 1.22
N SER A 128 13.78 13.79 2.51
CA SER A 128 14.32 12.60 3.15
C SER A 128 13.68 11.29 2.72
N ASN A 129 12.75 11.34 1.78
CA ASN A 129 12.09 10.13 1.33
C ASN A 129 12.74 9.60 0.05
N VAL A 130 13.72 10.32 -0.47
CA VAL A 130 14.38 9.91 -1.71
C VAL A 130 15.12 8.58 -1.61
N PRO A 131 15.78 8.30 -0.47
CA PRO A 131 16.45 7.00 -0.42
C PRO A 131 15.44 5.86 -0.60
N TYR A 132 14.24 6.04 -0.08
CA TYR A 132 13.20 5.02 -0.24
C TYR A 132 12.84 4.89 -1.72
N GLU A 133 12.63 6.01 -2.39
CA GLU A 133 12.28 5.99 -3.83
C GLU A 133 13.41 5.36 -4.63
N ILE A 134 14.66 5.69 -4.29
CA ILE A 134 15.82 5.14 -4.98
C ILE A 134 15.84 3.62 -4.87
N SER A 135 15.43 3.10 -3.72
CA SER A 135 15.46 1.66 -3.49
C SER A 135 14.61 0.87 -4.46
N LEU A 136 13.56 1.50 -4.98
CA LEU A 136 12.63 0.84 -5.91
C LEU A 136 13.12 0.80 -7.37
N ILE A 137 14.19 1.53 -7.69
CA ILE A 137 14.69 1.55 -9.06
C ILE A 137 15.66 0.40 -9.33
N PRO A 138 15.29 -0.51 -10.26
CA PRO A 138 16.18 -1.64 -10.57
C PRO A 138 17.53 -1.22 -11.18
N ILE A 139 18.59 -1.91 -10.78
CA ILE A 139 19.95 -1.64 -11.25
C ILE A 139 20.42 -2.77 -12.16
N VAL A 140 20.83 -2.45 -13.37
CA VAL A 140 21.30 -3.48 -14.30
C VAL A 140 22.82 -3.49 -14.44
N ALA A 141 23.35 -4.44 -15.19
CA ALA A 141 24.79 -4.56 -15.39
C ALA A 141 25.30 -3.65 -16.51
N GLU A 142 26.14 -2.70 -16.13
CA GLU A 142 26.73 -1.75 -17.07
C GLU A 142 27.52 -2.49 -18.16
N HIS A 143 28.30 -3.48 -17.76
CA HIS A 143 29.11 -4.21 -18.72
C HIS A 143 28.27 -4.98 -19.74
N VAL A 144 26.95 -5.03 -19.54
CA VAL A 144 26.07 -5.71 -20.48
C VAL A 144 25.22 -4.72 -21.27
N TRP A 145 24.51 -3.84 -20.57
CA TRP A 145 23.63 -2.89 -21.21
C TRP A 145 24.31 -1.81 -22.04
N LYS A 146 25.58 -1.57 -21.78
CA LYS A 146 26.31 -0.55 -22.52
C LYS A 146 26.32 -0.95 -24.00
N ASP A 147 26.24 -2.26 -24.25
CA ASP A 147 26.23 -2.79 -25.60
C ASP A 147 24.83 -3.08 -26.12
N VAL A 148 23.82 -2.61 -25.41
CA VAL A 148 22.42 -2.82 -25.80
C VAL A 148 21.97 -1.57 -26.55
N LYS A 149 21.89 -1.66 -27.87
CA LYS A 149 21.53 -0.50 -28.68
C LYS A 149 20.11 0.03 -28.48
N ASP A 150 19.17 -0.87 -28.20
CA ASP A 150 17.78 -0.50 -28.02
C ASP A 150 17.16 -0.95 -26.69
N PRO A 151 17.47 -0.22 -25.59
CA PRO A 151 16.92 -0.62 -24.29
C PRO A 151 15.39 -0.59 -24.21
N THR A 152 14.74 0.14 -25.10
CA THR A 152 13.28 0.19 -25.05
C THR A 152 12.58 -0.98 -25.77
N THR A 153 13.33 -1.78 -26.54
CA THR A 153 12.73 -2.93 -27.22
C THR A 153 13.47 -4.21 -26.84
N PHE A 154 14.59 -4.05 -26.14
CA PHE A 154 15.42 -5.15 -25.67
C PHE A 154 14.58 -6.04 -24.76
N THR A 155 14.58 -7.35 -25.01
CA THR A 155 13.78 -8.28 -24.21
C THR A 155 14.59 -8.97 -23.10
N ASN A 156 15.90 -8.70 -23.06
CA ASN A 156 16.78 -9.27 -22.04
C ASN A 156 16.52 -10.76 -21.80
N GLU A 157 16.51 -11.55 -22.86
CA GLU A 157 16.23 -13.00 -22.77
C GLU A 157 17.19 -13.87 -21.95
N ASN A 158 18.44 -13.47 -21.82
CA ASN A 158 19.41 -14.24 -21.05
C ASN A 158 19.99 -13.30 -20.02
N PRO A 159 19.17 -12.88 -19.05
CA PRO A 159 19.54 -11.95 -17.98
C PRO A 159 20.78 -12.26 -17.15
N VAL A 160 21.53 -11.20 -16.87
CA VAL A 160 22.70 -11.27 -16.03
C VAL A 160 22.28 -10.42 -14.84
N GLY A 161 22.02 -11.05 -13.70
CA GLY A 161 21.58 -10.30 -12.55
C GLY A 161 22.35 -10.51 -11.28
N THR A 162 21.99 -9.74 -10.26
CA THR A 162 22.62 -9.82 -8.96
C THR A 162 21.72 -10.57 -7.98
N GLY A 163 20.47 -10.77 -8.38
CA GLY A 163 19.49 -11.44 -7.54
C GLY A 163 19.72 -12.92 -7.30
N PRO A 164 18.90 -13.54 -6.44
CA PRO A 164 18.99 -14.97 -6.11
C PRO A 164 18.65 -15.96 -7.23
N PHE A 165 17.80 -15.57 -8.17
CA PHE A 165 17.42 -16.49 -9.25
C PHE A 165 17.65 -15.85 -10.62
N THR A 166 18.71 -16.26 -11.31
CA THR A 166 19.04 -15.68 -12.61
C THR A 166 19.09 -16.67 -13.77
N VAL A 167 19.17 -17.95 -13.47
CA VAL A 167 19.26 -18.98 -14.50
C VAL A 167 17.92 -19.41 -15.07
N ILE A 168 17.73 -19.23 -16.37
CA ILE A 168 16.48 -19.64 -17.02
C ILE A 168 16.65 -21.11 -17.38
N ASP A 169 16.20 -21.96 -16.46
CA ASP A 169 16.31 -23.41 -16.58
C ASP A 169 15.33 -24.04 -17.55
N THR A 170 14.12 -23.49 -17.60
CA THR A 170 13.09 -24.00 -18.50
C THR A 170 12.25 -22.82 -18.98
N PHE A 171 11.97 -22.76 -20.27
CA PHE A 171 11.09 -21.71 -20.76
C PHE A 171 10.25 -22.24 -21.90
N THR A 172 8.94 -22.27 -21.65
CA THR A 172 7.97 -22.77 -22.61
C THR A 172 6.73 -21.89 -22.46
N PRO A 173 5.80 -21.98 -23.42
CA PRO A 173 4.60 -21.15 -23.31
C PRO A 173 3.73 -21.43 -22.07
N GLN A 174 3.82 -22.65 -21.55
CA GLN A 174 3.02 -23.01 -20.39
C GLN A 174 3.78 -22.90 -19.07
N LEU A 175 5.10 -22.77 -19.12
CA LEU A 175 5.85 -22.73 -17.88
C LEU A 175 7.33 -22.34 -18.00
N TYR A 176 7.83 -21.64 -17.00
CA TYR A 176 9.25 -21.31 -16.97
C TYR A 176 9.76 -21.49 -15.56
N ILE A 177 11.02 -21.90 -15.44
CA ILE A 177 11.65 -22.13 -14.15
C ILE A 177 12.92 -21.28 -14.10
N GLN A 178 13.00 -20.44 -13.07
CA GLN A 178 14.10 -19.52 -12.86
C GLN A 178 14.95 -20.06 -11.71
N CYS A 179 16.14 -20.57 -12.00
CA CYS A 179 16.95 -21.13 -10.94
C CYS A 179 18.08 -20.29 -10.38
N ARG A 180 18.50 -20.73 -9.20
CA ARG A 180 19.57 -20.16 -8.39
C ARG A 180 20.72 -19.47 -9.13
N ASN A 181 21.04 -18.25 -8.69
CA ASN A 181 22.16 -17.50 -9.24
C ASN A 181 23.37 -18.19 -8.62
N PRO A 182 24.20 -18.85 -9.45
CA PRO A 182 25.40 -19.56 -8.99
C PRO A 182 26.48 -18.69 -8.36
N ASN A 183 26.37 -17.38 -8.51
CA ASN A 183 27.34 -16.47 -7.91
C ASN A 183 26.67 -15.56 -6.90
N TYR A 184 25.47 -15.94 -6.48
CA TYR A 184 24.71 -15.14 -5.53
C TYR A 184 25.53 -14.79 -4.29
N TRP A 185 25.67 -13.50 -4.02
CA TRP A 185 26.45 -13.03 -2.87
C TRP A 185 25.89 -13.53 -1.55
N ASP A 186 24.62 -13.89 -1.52
CA ASP A 186 23.99 -14.36 -0.29
C ASP A 186 23.45 -15.78 -0.41
N ALA A 187 24.16 -16.62 -1.16
CA ALA A 187 23.77 -18.00 -1.39
C ALA A 187 23.55 -18.79 -0.10
N ALA A 188 24.33 -18.47 0.93
CA ALA A 188 24.24 -19.15 2.22
C ALA A 188 22.85 -19.04 2.84
N ASN A 189 22.15 -17.95 2.55
CA ASN A 189 20.80 -17.75 3.09
C ASN A 189 19.69 -18.18 2.16
N LEU A 190 20.05 -18.58 0.94
CA LEU A 190 19.08 -19.00 -0.05
C LEU A 190 18.92 -20.52 -0.06
N GLU A 191 17.78 -21.01 0.42
CA GLU A 191 17.58 -22.46 0.45
C GLU A 191 16.67 -23.01 -0.66
N VAL A 192 15.92 -22.13 -1.31
CA VAL A 192 15.05 -22.52 -2.42
C VAL A 192 15.95 -22.53 -3.66
N ASP A 193 15.94 -23.62 -4.41
CA ASP A 193 16.79 -23.69 -5.60
C ASP A 193 16.23 -23.04 -6.86
N CYS A 194 14.92 -23.16 -7.08
CA CYS A 194 14.34 -22.58 -8.28
C CYS A 194 12.95 -22.02 -8.04
N LEU A 195 12.53 -21.16 -8.96
CA LEU A 195 11.20 -20.59 -8.93
C LEU A 195 10.50 -21.25 -10.10
N ARG A 196 9.44 -21.99 -9.76
CA ARG A 196 8.63 -22.71 -10.74
C ARG A 196 7.47 -21.75 -11.03
N VAL A 197 7.40 -21.30 -12.28
CA VAL A 197 6.38 -20.34 -12.67
C VAL A 197 5.42 -20.90 -13.72
N PRO A 198 4.26 -21.37 -13.29
CA PRO A 198 3.26 -21.94 -14.20
C PRO A 198 2.38 -20.88 -14.83
N GLN A 199 2.00 -21.10 -16.09
CA GLN A 199 1.13 -20.17 -16.80
C GLN A 199 -0.31 -20.36 -16.32
N ILE A 200 -0.91 -19.29 -15.79
CA ILE A 200 -2.29 -19.32 -15.30
C ILE A 200 -2.99 -18.05 -15.80
N ALA A 201 -3.95 -18.21 -16.71
CA ALA A 201 -4.64 -17.07 -17.32
C ALA A 201 -5.61 -16.24 -16.49
N ASN A 202 -6.33 -16.86 -15.55
CA ASN A 202 -7.31 -16.11 -14.77
C ASN A 202 -7.61 -16.70 -13.39
N ASN A 203 -8.56 -16.08 -12.67
CA ASN A 203 -8.94 -16.52 -11.33
C ASN A 203 -9.50 -17.94 -11.32
N ASP A 204 -10.24 -18.29 -12.36
CA ASP A 204 -10.82 -19.63 -12.47
C ASP A 204 -9.73 -20.69 -12.49
N GLN A 205 -8.75 -20.52 -13.35
CA GLN A 205 -7.66 -21.48 -13.47
C GLN A 205 -6.87 -21.55 -12.18
N LEU A 206 -6.64 -20.40 -11.55
CA LEU A 206 -5.88 -20.40 -10.30
C LEU A 206 -6.63 -21.16 -9.22
N LEU A 207 -7.92 -20.87 -9.07
CA LEU A 207 -8.72 -21.55 -8.06
C LEU A 207 -8.58 -23.05 -8.21
N GLY A 208 -8.80 -23.53 -9.42
CA GLY A 208 -8.68 -24.96 -9.67
C GLY A 208 -7.34 -25.53 -9.26
N LYS A 209 -6.26 -24.85 -9.62
CA LYS A 209 -4.93 -25.32 -9.28
C LYS A 209 -4.57 -25.16 -7.81
N ILE A 210 -5.05 -24.09 -7.17
CA ILE A 210 -4.72 -23.86 -5.77
C ILE A 210 -5.45 -24.81 -4.83
N VAL A 211 -6.69 -25.16 -5.15
CA VAL A 211 -7.41 -26.09 -4.29
C VAL A 211 -6.82 -27.50 -4.44
N ASN A 212 -6.22 -27.76 -5.60
CA ASN A 212 -5.61 -29.06 -5.86
C ASN A 212 -4.28 -29.14 -5.11
N SER A 213 -3.89 -28.05 -4.47
CA SER A 213 -2.66 -27.98 -3.69
C SER A 213 -1.37 -28.01 -4.51
N GLU A 214 -1.42 -27.54 -5.74
CA GLU A 214 -0.22 -27.57 -6.57
C GLU A 214 0.57 -26.27 -6.61
N LEU A 215 0.18 -25.31 -5.78
CA LEU A 215 0.88 -24.03 -5.75
C LEU A 215 1.47 -23.80 -4.36
N ASP A 216 2.53 -22.99 -4.25
CA ASP A 216 3.11 -22.71 -2.94
C ASP A 216 2.86 -21.27 -2.51
N TRP A 217 3.16 -20.33 -3.39
CA TRP A 217 3.07 -18.91 -3.08
C TRP A 217 2.21 -18.13 -4.07
N THR A 218 1.07 -17.63 -3.60
CA THR A 218 0.18 -16.86 -4.47
C THR A 218 -0.37 -15.62 -3.76
N SER A 219 -0.94 -14.73 -4.56
CA SER A 219 -1.53 -13.49 -4.05
C SER A 219 -2.71 -13.19 -4.94
N SER A 220 -3.65 -14.13 -4.98
CA SER A 220 -4.84 -13.98 -5.80
C SER A 220 -6.13 -14.02 -5.02
N PHE A 221 -7.18 -13.47 -5.61
CA PHE A 221 -8.49 -13.50 -4.98
C PHE A 221 -8.94 -14.96 -5.03
N VAL A 222 -9.46 -15.46 -3.91
CA VAL A 222 -9.93 -16.82 -3.81
C VAL A 222 -11.33 -16.76 -3.20
N PRO A 223 -12.36 -17.16 -3.95
CA PRO A 223 -13.74 -17.11 -3.44
C PRO A 223 -13.99 -18.15 -2.35
N ASP A 224 -14.77 -17.75 -1.33
CA ASP A 224 -15.14 -18.64 -0.24
C ASP A 224 -13.94 -19.46 0.21
N ILE A 225 -12.82 -18.77 0.42
CA ILE A 225 -11.55 -19.39 0.79
C ILE A 225 -11.54 -20.42 1.90
N ASP A 226 -12.33 -20.22 2.95
CA ASP A 226 -12.33 -21.20 4.05
C ASP A 226 -12.89 -22.55 3.64
N ARG A 227 -13.89 -22.53 2.77
CA ARG A 227 -14.52 -23.75 2.32
C ARG A 227 -13.77 -24.41 1.17
N THR A 228 -13.53 -23.64 0.12
CA THR A 228 -12.85 -24.13 -1.07
C THR A 228 -11.38 -24.48 -0.90
N TYR A 229 -10.61 -23.55 -0.38
CA TYR A 229 -9.17 -23.73 -0.21
C TYR A 229 -8.67 -24.27 1.13
N ALA A 230 -9.02 -23.60 2.23
CA ALA A 230 -8.56 -24.03 3.55
C ALA A 230 -8.98 -25.42 3.99
N ALA A 231 -10.25 -25.77 3.81
CA ALA A 231 -10.76 -27.07 4.22
C ALA A 231 -10.32 -28.26 3.38
N ALA A 232 -9.72 -27.99 2.22
CA ALA A 232 -9.30 -29.08 1.34
C ALA A 232 -8.03 -29.79 1.79
N ASN A 233 -7.18 -29.07 2.51
CA ASN A 233 -5.92 -29.64 2.96
C ASN A 233 -5.43 -28.83 4.16
N PRO A 234 -4.92 -29.51 5.20
CA PRO A 234 -4.45 -28.74 6.36
C PRO A 234 -3.20 -27.90 6.09
N ASN A 235 -2.56 -28.14 4.94
CA ASN A 235 -1.37 -27.36 4.58
C ASN A 235 -1.80 -26.06 3.88
N HIS A 236 -3.10 -25.88 3.66
CA HIS A 236 -3.60 -24.69 2.97
C HIS A 236 -3.81 -23.53 3.94
N HIS A 237 -3.00 -22.49 3.79
CA HIS A 237 -3.07 -21.32 4.66
C HIS A 237 -3.14 -20.01 3.90
N TYR A 238 -3.46 -18.95 4.62
CA TYR A 238 -3.52 -17.62 4.04
C TYR A 238 -3.47 -16.60 5.16
N TRP A 239 -3.01 -15.40 4.82
CA TRP A 239 -2.90 -14.30 5.77
C TRP A 239 -3.16 -13.01 4.98
N TYR A 240 -4.15 -12.25 5.42
CA TYR A 240 -4.54 -11.01 4.76
C TYR A 240 -4.31 -9.80 5.65
N PRO A 241 -3.06 -9.38 5.84
CA PRO A 241 -2.82 -8.20 6.68
C PRO A 241 -3.39 -6.91 6.09
N ALA A 242 -3.52 -5.90 6.95
CA ALA A 242 -4.05 -4.60 6.58
C ALA A 242 -3.31 -3.88 5.44
N ALA A 243 -4.09 -3.19 4.61
CA ALA A 243 -3.54 -2.43 3.49
C ALA A 243 -4.07 -0.99 3.53
N GLY A 244 -4.55 -0.49 2.39
CA GLY A 244 -5.06 0.87 2.31
C GLY A 244 -6.30 1.12 3.14
N THR A 245 -6.45 2.36 3.61
CA THR A 245 -7.59 2.74 4.43
C THR A 245 -8.82 3.12 3.59
N GLN A 246 -10.00 2.86 4.13
CA GLN A 246 -11.28 3.20 3.49
C GLN A 246 -12.12 3.90 4.55
N ALA A 247 -12.87 4.92 4.15
CA ALA A 247 -13.67 5.65 5.11
C ALA A 247 -14.78 6.48 4.50
N PHE A 248 -15.60 7.04 5.38
CA PHE A 248 -16.67 7.92 4.95
C PHE A 248 -16.12 9.33 5.18
N MET A 249 -16.16 10.15 4.14
CA MET A 249 -15.70 11.53 4.23
C MET A 249 -16.94 12.38 4.36
N VAL A 250 -16.89 13.33 5.28
CA VAL A 250 -18.01 14.22 5.55
C VAL A 250 -17.63 15.60 5.02
N ASN A 251 -18.60 16.30 4.45
CA ASN A 251 -18.35 17.63 3.89
C ASN A 251 -18.57 18.75 4.93
N PHE A 252 -17.46 19.27 5.44
CA PHE A 252 -17.46 20.31 6.46
C PHE A 252 -18.05 21.63 5.97
N LYS A 253 -18.07 21.83 4.66
CA LYS A 253 -18.63 23.06 4.13
C LYS A 253 -19.91 22.79 3.32
N ASN A 254 -20.77 21.94 3.87
CA ASN A 254 -22.02 21.61 3.21
C ASN A 254 -22.84 22.89 3.08
N PRO A 255 -23.23 23.24 1.86
CA PRO A 255 -24.03 24.44 1.55
C PRO A 255 -25.41 24.51 2.18
N ASP A 256 -25.89 23.38 2.73
CA ASP A 256 -27.19 23.37 3.38
C ASP A 256 -26.93 23.65 4.87
N PRO A 257 -27.42 24.79 5.39
CA PRO A 257 -27.20 25.13 6.79
C PRO A 257 -27.50 24.02 7.79
N ALA A 258 -28.61 23.32 7.59
CA ALA A 258 -28.99 22.25 8.49
C ALA A 258 -28.02 21.08 8.45
N LYS A 259 -27.63 20.64 7.26
CA LYS A 259 -26.68 19.53 7.14
C LYS A 259 -25.32 19.89 7.70
N LYS A 260 -24.89 21.13 7.46
CA LYS A 260 -23.61 21.63 7.96
C LYS A 260 -23.59 21.58 9.48
N GLU A 261 -24.71 21.98 10.08
CA GLU A 261 -24.86 21.99 11.52
C GLU A 261 -24.50 20.60 12.06
N ALA A 262 -24.89 19.57 11.33
CA ALA A 262 -24.61 18.21 11.73
C ALA A 262 -23.19 17.75 11.39
N LEU A 263 -22.82 17.89 10.12
CA LEU A 263 -21.49 17.47 9.66
C LEU A 263 -20.33 18.24 10.27
N ASP A 264 -20.54 19.55 10.48
CA ASP A 264 -19.51 20.40 11.05
C ASP A 264 -19.59 20.40 12.58
N ASN A 265 -19.95 19.25 13.15
CA ASN A 265 -20.05 19.10 14.61
C ASN A 265 -19.30 17.84 15.01
N VAL A 266 -18.16 18.01 15.68
CA VAL A 266 -17.34 16.88 16.07
C VAL A 266 -18.09 15.78 16.81
N ASP A 267 -19.03 16.16 17.67
CA ASP A 267 -19.79 15.15 18.41
C ASP A 267 -20.70 14.33 17.49
N PHE A 268 -21.24 14.96 16.46
CA PHE A 268 -22.11 14.24 15.54
C PHE A 268 -21.26 13.26 14.71
N ARG A 269 -20.08 13.69 14.31
CA ARG A 269 -19.20 12.83 13.52
C ARG A 269 -18.84 11.61 14.37
N ARG A 270 -18.63 11.83 15.67
CA ARG A 270 -18.30 10.73 16.57
C ARG A 270 -19.49 9.79 16.72
N ALA A 271 -20.69 10.34 16.84
CA ALA A 271 -21.90 9.53 16.98
C ALA A 271 -22.07 8.69 15.71
N PHE A 272 -21.94 9.37 14.57
CA PHE A 272 -22.04 8.73 13.25
C PHE A 272 -21.09 7.52 13.22
N SER A 273 -19.86 7.73 13.70
CA SER A 273 -18.84 6.70 13.72
C SER A 273 -19.13 5.55 14.68
N MET A 274 -19.76 5.85 15.82
CA MET A 274 -20.06 4.82 16.80
C MET A 274 -21.23 3.94 16.38
N ALA A 275 -22.03 4.45 15.45
CA ALA A 275 -23.19 3.70 14.96
C ALA A 275 -22.76 2.62 13.98
N LEU A 276 -21.63 2.83 13.33
CA LEU A 276 -21.13 1.86 12.36
C LEU A 276 -20.62 0.56 12.98
N ASP A 277 -20.90 -0.55 12.30
CA ASP A 277 -20.46 -1.88 12.70
C ASP A 277 -19.42 -2.27 11.65
N ARG A 278 -18.18 -1.86 11.89
CA ARG A 278 -17.07 -2.12 10.98
C ARG A 278 -16.80 -3.58 10.63
N GLN A 279 -16.71 -4.45 11.63
CA GLN A 279 -16.44 -5.87 11.39
C GLN A 279 -17.52 -6.49 10.48
N THR A 280 -18.77 -6.10 10.68
CA THR A 280 -19.87 -6.62 9.87
C THR A 280 -19.74 -6.13 8.43
N ILE A 281 -19.29 -4.88 8.25
CA ILE A 281 -19.09 -4.31 6.93
C ILE A 281 -18.04 -5.11 6.15
N ILE A 282 -16.99 -5.55 6.87
CA ILE A 282 -15.92 -6.32 6.24
C ILE A 282 -16.40 -7.73 5.89
N ASP A 283 -17.09 -8.37 6.83
CA ASP A 283 -17.58 -9.72 6.63
C ASP A 283 -18.67 -9.82 5.56
N ILE A 284 -19.56 -8.83 5.51
CA ILE A 284 -20.65 -8.87 4.55
C ILE A 284 -20.29 -8.31 3.18
N ALA A 285 -19.91 -7.04 3.13
CA ALA A 285 -19.58 -6.38 1.88
C ALA A 285 -18.26 -6.82 1.27
N PHE A 286 -17.30 -7.22 2.11
CA PHE A 286 -16.00 -7.64 1.60
C PHE A 286 -15.63 -9.09 1.84
N TYR A 287 -16.61 -9.93 2.10
CA TYR A 287 -16.39 -11.35 2.32
C TYR A 287 -15.32 -11.68 3.36
N GLY A 288 -15.21 -10.85 4.39
CA GLY A 288 -14.24 -11.09 5.44
C GLY A 288 -12.79 -10.72 5.14
N SER A 289 -12.55 -10.15 3.95
CA SER A 289 -11.20 -9.76 3.59
C SER A 289 -10.92 -8.28 3.80
N GLY A 290 -10.44 -7.95 5.00
CA GLY A 290 -10.13 -6.57 5.33
C GLY A 290 -9.87 -6.49 6.83
N THR A 291 -9.45 -5.33 7.31
CA THR A 291 -9.18 -5.16 8.74
C THR A 291 -9.85 -3.92 9.29
N VAL A 292 -10.46 -4.07 10.47
CA VAL A 292 -11.14 -3.00 11.15
C VAL A 292 -10.18 -1.84 11.41
N ASN A 293 -10.60 -0.62 11.07
CA ASN A 293 -9.74 0.54 11.33
C ASN A 293 -10.44 1.39 12.40
N ASP A 294 -10.05 1.21 13.66
CA ASP A 294 -10.63 1.96 14.74
C ASP A 294 -9.72 3.09 15.21
N PHE A 295 -8.94 3.63 14.28
CA PHE A 295 -8.04 4.75 14.55
C PHE A 295 -8.80 6.01 14.12
N ALA A 296 -9.05 6.91 15.06
CA ALA A 296 -9.76 8.15 14.74
C ALA A 296 -9.00 8.92 13.64
N SER A 297 -7.68 8.78 13.63
CA SER A 297 -6.84 9.46 12.66
C SER A 297 -6.75 8.71 11.34
N GLY A 298 -7.29 7.49 11.32
CA GLY A 298 -7.25 6.68 10.11
C GLY A 298 -5.91 6.01 9.84
N LEU A 299 -4.97 6.15 10.78
CA LEU A 299 -3.65 5.54 10.63
C LEU A 299 -3.74 4.09 10.17
N GLY A 300 -4.54 3.28 10.86
CA GLY A 300 -4.70 1.88 10.45
C GLY A 300 -3.65 0.92 10.98
N TYR A 301 -3.99 -0.36 11.06
CA TYR A 301 -3.07 -1.36 11.57
C TYR A 301 -1.89 -1.75 10.68
N ALA A 302 -1.80 -1.17 9.49
CA ALA A 302 -0.69 -1.49 8.62
C ALA A 302 0.50 -0.66 9.10
N PHE A 303 0.21 0.37 9.87
CA PHE A 303 1.24 1.27 10.40
C PHE A 303 1.19 1.40 11.91
N GLU A 304 0.78 0.36 12.61
CA GLU A 304 0.71 0.46 14.07
C GLU A 304 2.06 0.85 14.65
N ALA A 305 3.13 0.59 13.89
CA ALA A 305 4.47 0.95 14.34
C ALA A 305 4.61 2.45 14.57
N TRP A 306 3.93 3.24 13.74
CA TRP A 306 3.98 4.69 13.82
C TRP A 306 3.02 5.31 14.81
N SER A 307 2.10 4.50 15.33
CA SER A 307 1.08 5.00 16.23
C SER A 307 1.43 5.35 17.67
N ASP A 308 0.89 6.49 18.11
CA ASP A 308 1.05 6.93 19.49
C ASP A 308 -0.13 6.21 20.12
N GLU A 309 0.13 5.05 20.70
CA GLU A 309 -0.91 4.23 21.32
C GLU A 309 -1.82 4.96 22.33
N ALA A 310 -1.38 6.10 22.85
CA ALA A 310 -2.21 6.81 23.80
C ALA A 310 -3.29 7.62 23.08
N THR A 311 -2.92 8.21 21.95
CA THR A 311 -3.86 8.99 21.16
C THR A 311 -4.88 8.02 20.58
N HIS A 312 -4.41 6.84 20.19
CA HIS A 312 -5.26 5.81 19.62
C HIS A 312 -6.36 5.42 20.62
N LYS A 313 -5.94 5.03 21.83
CA LYS A 313 -6.86 4.62 22.90
C LYS A 313 -7.85 5.69 23.28
N LYS A 314 -7.37 6.92 23.37
CA LYS A 314 -8.23 8.00 23.80
C LYS A 314 -9.45 8.22 22.91
N TYR A 315 -9.32 8.04 21.60
CA TYR A 315 -10.43 8.25 20.69
C TYR A 315 -10.98 6.97 20.07
N LYS A 316 -10.34 5.85 20.37
CA LYS A 316 -10.74 4.55 19.86
C LYS A 316 -12.21 4.21 20.09
N GLY A 317 -12.77 4.66 21.22
CA GLY A 317 -14.16 4.37 21.53
C GLY A 317 -15.14 5.08 20.61
N PHE A 318 -14.71 6.20 20.03
CA PHE A 318 -15.54 6.97 19.11
C PHE A 318 -15.50 6.32 17.73
N ASN A 319 -14.72 5.25 17.60
CA ASN A 319 -14.57 4.55 16.34
C ASN A 319 -14.74 3.05 16.55
N THR A 320 -15.65 2.71 17.46
CA THR A 320 -15.96 1.33 17.79
C THR A 320 -17.48 1.22 17.76
N TYR A 321 -18.00 0.07 17.36
CA TYR A 321 -19.44 -0.15 17.30
C TYR A 321 -20.07 0.03 18.68
N ASP A 322 -20.83 1.11 18.86
CA ASP A 322 -21.46 1.39 20.14
C ASP A 322 -22.79 2.12 19.92
N VAL A 323 -23.86 1.34 19.75
CA VAL A 323 -25.19 1.90 19.52
C VAL A 323 -25.70 2.83 20.62
N GLU A 324 -25.65 2.39 21.86
CA GLU A 324 -26.16 3.22 22.94
C GLU A 324 -25.25 4.41 23.29
N GLY A 325 -23.96 4.30 22.98
CA GLY A 325 -23.07 5.43 23.22
C GLY A 325 -23.36 6.49 22.16
N SER A 326 -23.72 6.02 20.98
CA SER A 326 -24.05 6.89 19.86
C SER A 326 -25.31 7.69 20.19
N LYS A 327 -26.40 6.99 20.50
CA LYS A 327 -27.66 7.65 20.85
C LYS A 327 -27.45 8.66 21.98
N LYS A 328 -26.56 8.33 22.91
CA LYS A 328 -26.30 9.20 24.05
C LYS A 328 -25.53 10.48 23.66
N LEU A 329 -24.46 10.34 22.88
CA LEU A 329 -23.68 11.51 22.46
C LEU A 329 -24.59 12.46 21.66
N LEU A 330 -25.36 11.90 20.73
CA LEU A 330 -26.27 12.70 19.93
C LEU A 330 -27.20 13.45 20.86
N ALA A 331 -27.71 12.74 21.86
CA ALA A 331 -28.61 13.33 22.84
C ALA A 331 -27.93 14.48 23.55
N LYS A 332 -26.69 14.25 23.99
CA LYS A 332 -25.96 15.28 24.70
C LYS A 332 -25.55 16.47 23.82
N ALA A 333 -25.34 16.25 22.52
CA ALA A 333 -24.95 17.34 21.63
C ALA A 333 -26.12 18.21 21.17
N GLY A 334 -27.34 17.81 21.50
CA GLY A 334 -28.50 18.59 21.12
C GLY A 334 -29.29 18.05 19.94
N PHE A 335 -28.79 16.99 19.33
CA PHE A 335 -29.46 16.39 18.19
C PHE A 335 -30.61 15.54 18.72
N LYS A 336 -31.79 16.14 18.75
CA LYS A 336 -32.98 15.49 19.27
C LYS A 336 -34.08 15.38 18.23
N ASP A 337 -34.86 14.30 18.33
CA ASP A 337 -35.99 14.10 17.44
C ASP A 337 -37.17 14.90 18.00
N VAL A 338 -37.29 16.16 17.58
CA VAL A 338 -38.37 17.02 18.05
C VAL A 338 -39.63 16.81 17.19
N ASN A 339 -39.40 16.33 15.98
CA ASN A 339 -40.45 16.07 14.99
C ASN A 339 -41.32 14.86 15.33
N GLY A 340 -40.74 13.86 15.97
CA GLY A 340 -41.47 12.66 16.32
C GLY A 340 -41.39 11.61 15.22
N ASP A 341 -40.58 11.85 14.20
CA ASP A 341 -40.43 10.91 13.10
C ASP A 341 -39.41 9.80 13.32
N GLY A 342 -38.75 9.80 14.48
CA GLY A 342 -37.78 8.76 14.77
C GLY A 342 -36.37 9.17 14.38
N PHE A 343 -36.27 10.27 13.65
CA PHE A 343 -34.99 10.77 13.22
C PHE A 343 -34.62 12.04 13.96
N VAL A 344 -33.34 12.13 14.31
CA VAL A 344 -32.81 13.27 15.02
C VAL A 344 -32.85 14.53 14.15
N GLU A 345 -33.19 15.66 14.77
CA GLU A 345 -33.24 16.94 14.07
C GLU A 345 -31.99 17.68 14.59
N THR A 346 -31.56 18.75 13.92
CA THR A 346 -30.37 19.47 14.39
C THR A 346 -30.64 20.04 15.77
N PRO A 347 -29.60 20.53 16.45
CA PRO A 347 -29.87 21.09 17.78
C PRO A 347 -30.70 22.36 17.69
N SER A 348 -30.53 23.13 16.61
CA SER A 348 -31.30 24.34 16.44
C SER A 348 -32.70 23.93 15.96
N GLY A 349 -32.93 22.62 15.94
CA GLY A 349 -34.22 22.08 15.54
C GLY A 349 -34.52 21.87 14.08
N LYS A 350 -33.53 21.99 13.21
CA LYS A 350 -33.78 21.82 11.79
C LYS A 350 -33.68 20.38 11.32
N SER A 351 -34.60 20.01 10.44
CA SER A 351 -34.65 18.65 9.89
C SER A 351 -33.52 18.45 8.89
N PHE A 352 -33.05 17.22 8.74
CA PHE A 352 -31.99 16.97 7.76
C PHE A 352 -31.88 15.51 7.35
N GLU A 353 -31.38 15.30 6.14
CA GLU A 353 -31.18 13.98 5.59
C GLU A 353 -29.77 14.02 5.01
N LEU A 354 -29.05 12.91 5.10
CA LEU A 354 -27.68 12.87 4.57
C LEU A 354 -27.58 11.90 3.41
N LEU A 355 -27.19 12.41 2.26
CA LEU A 355 -27.03 11.59 1.07
C LEU A 355 -25.63 10.98 1.10
N ILE A 356 -25.55 9.66 1.10
CA ILE A 356 -24.26 8.98 1.12
C ILE A 356 -23.91 8.41 -0.25
N GLN A 357 -22.86 9.00 -0.83
CA GLN A 357 -22.30 8.69 -2.14
C GLN A 357 -21.31 7.54 -2.20
N SER A 358 -21.37 6.79 -3.30
CA SER A 358 -20.42 5.73 -3.59
C SER A 358 -20.56 5.60 -5.12
N PRO A 359 -19.44 5.42 -5.83
CA PRO A 359 -19.49 5.31 -7.29
C PRO A 359 -20.32 4.17 -7.85
N ASN A 360 -21.09 4.49 -8.89
CA ASN A 360 -21.93 3.53 -9.56
C ASN A 360 -21.09 2.38 -10.09
N GLY A 361 -21.51 1.16 -9.81
CA GLY A 361 -20.76 0.01 -10.30
C GLY A 361 -19.75 -0.56 -9.33
N TRP A 362 -19.38 0.18 -8.29
CA TRP A 362 -18.42 -0.34 -7.30
C TRP A 362 -19.24 -1.09 -6.25
N THR A 363 -19.61 -2.33 -6.59
CA THR A 363 -20.43 -3.18 -5.72
C THR A 363 -20.09 -3.22 -4.24
N ASP A 364 -18.85 -3.56 -3.88
CA ASP A 364 -18.46 -3.62 -2.48
C ASP A 364 -18.74 -2.29 -1.77
N PHE A 365 -18.35 -1.18 -2.40
CA PHE A 365 -18.59 0.12 -1.80
C PHE A 365 -20.08 0.45 -1.73
N ASN A 366 -20.81 0.09 -2.78
CA ASN A 366 -22.25 0.37 -2.80
C ASN A 366 -22.91 -0.36 -1.63
N ASN A 367 -22.57 -1.64 -1.45
CA ASN A 367 -23.16 -2.41 -0.35
C ASN A 367 -22.77 -1.86 1.01
N THR A 368 -21.56 -1.33 1.10
CA THR A 368 -21.09 -0.74 2.35
C THR A 368 -21.98 0.44 2.71
N VAL A 369 -22.26 1.30 1.74
CA VAL A 369 -23.12 2.45 1.98
C VAL A 369 -24.51 1.99 2.41
N GLN A 370 -25.04 0.96 1.76
CA GLN A 370 -26.35 0.45 2.12
C GLN A 370 -26.35 -0.02 3.57
N LEU A 371 -25.28 -0.68 4.00
CA LEU A 371 -25.21 -1.14 5.38
C LEU A 371 -25.09 0.05 6.32
N ALA A 372 -24.32 1.06 5.92
CA ALA A 372 -24.14 2.24 6.75
C ALA A 372 -25.49 2.92 7.01
N VAL A 373 -26.33 2.97 5.98
CA VAL A 373 -27.65 3.60 6.11
C VAL A 373 -28.52 2.87 7.13
N GLU A 374 -28.55 1.55 7.05
CA GLU A 374 -29.34 0.76 7.98
C GLU A 374 -28.85 1.04 9.40
N GLN A 375 -27.54 0.98 9.58
CA GLN A 375 -26.93 1.20 10.87
C GLN A 375 -27.11 2.61 11.39
N LEU A 376 -27.04 3.60 10.50
CA LEU A 376 -27.22 4.97 10.94
C LEU A 376 -28.67 5.18 11.35
N GLN A 377 -29.58 4.50 10.68
CA GLN A 377 -30.99 4.63 10.99
C GLN A 377 -31.31 4.15 12.41
N GLU A 378 -30.53 3.21 12.91
CA GLU A 378 -30.76 2.69 14.25
C GLU A 378 -30.43 3.71 15.34
N VAL A 379 -29.72 4.77 14.99
CA VAL A 379 -29.38 5.78 15.99
C VAL A 379 -30.08 7.10 15.74
N GLY A 380 -31.06 7.10 14.84
CA GLY A 380 -31.81 8.31 14.54
C GLY A 380 -31.30 9.23 13.46
N ILE A 381 -30.25 8.83 12.75
CA ILE A 381 -29.69 9.65 11.67
C ILE A 381 -30.35 9.25 10.37
N LYS A 382 -30.91 10.21 9.65
CA LYS A 382 -31.58 9.90 8.40
C LYS A 382 -30.62 10.02 7.22
N ALA A 383 -30.29 8.88 6.63
CA ALA A 383 -29.37 8.84 5.49
C ALA A 383 -29.96 8.05 4.33
N LYS A 384 -29.54 8.41 3.12
CA LYS A 384 -29.99 7.74 1.90
C LYS A 384 -28.79 7.48 0.99
N ALA A 385 -28.72 6.27 0.45
CA ALA A 385 -27.64 5.90 -0.45
C ALA A 385 -27.88 6.45 -1.84
N ARG A 386 -26.79 6.75 -2.54
CA ARG A 386 -26.82 7.27 -3.90
C ARG A 386 -25.61 6.68 -4.60
N THR A 387 -25.75 6.40 -5.89
CA THR A 387 -24.64 5.83 -6.65
C THR A 387 -24.39 6.53 -7.98
N PRO A 388 -23.90 7.77 -7.94
CA PRO A 388 -23.63 8.50 -9.18
C PRO A 388 -22.42 7.90 -9.86
N GLU A 389 -22.26 8.16 -11.15
CA GLU A 389 -21.10 7.66 -11.87
C GLU A 389 -19.89 8.32 -11.21
N PHE A 390 -18.75 7.64 -11.25
CA PHE A 390 -17.54 8.17 -10.64
C PHE A 390 -17.23 9.62 -10.98
N ALA A 391 -17.37 10.00 -12.23
CA ALA A 391 -17.06 11.37 -12.64
C ALA A 391 -17.87 12.36 -11.81
N VAL A 392 -19.17 12.13 -11.71
CA VAL A 392 -20.05 13.02 -10.96
C VAL A 392 -19.71 12.92 -9.46
N TYR A 393 -19.61 11.69 -8.97
CA TYR A 393 -19.27 11.43 -7.58
C TYR A 393 -17.99 12.19 -7.25
N ASN A 394 -17.05 12.20 -8.18
CA ASN A 394 -15.78 12.89 -7.98
C ASN A 394 -15.93 14.41 -8.03
N GLN A 395 -16.63 14.91 -9.05
CA GLN A 395 -16.86 16.35 -9.24
C GLN A 395 -17.56 16.96 -8.02
N ALA A 396 -18.49 16.19 -7.44
CA ALA A 396 -19.26 16.67 -6.28
C ALA A 396 -18.37 16.92 -5.06
N MET A 397 -17.27 16.18 -4.97
CA MET A 397 -16.35 16.35 -3.86
C MET A 397 -15.44 17.56 -4.14
N LEU A 398 -14.98 17.68 -5.37
CA LEU A 398 -14.12 18.79 -5.79
C LEU A 398 -14.89 20.12 -5.75
N GLU A 399 -16.21 20.03 -5.88
CA GLU A 399 -17.06 21.22 -5.88
C GLU A 399 -17.71 21.44 -4.52
N GLY A 400 -17.55 20.47 -3.63
CA GLY A 400 -18.12 20.59 -2.29
C GLY A 400 -19.63 20.64 -2.25
N THR A 401 -20.28 19.87 -3.12
CA THR A 401 -21.74 19.85 -3.13
C THR A 401 -22.30 18.60 -2.50
N TYR A 402 -21.45 17.61 -2.22
CA TYR A 402 -21.93 16.37 -1.62
C TYR A 402 -22.16 16.50 -0.12
N ASP A 403 -22.73 15.45 0.48
CA ASP A 403 -22.98 15.43 1.93
C ASP A 403 -21.95 14.48 2.54
N VAL A 404 -22.06 13.20 2.20
CA VAL A 404 -21.17 12.16 2.70
C VAL A 404 -20.78 11.21 1.57
N ALA A 405 -19.52 10.74 1.60
CA ALA A 405 -19.05 9.83 0.56
C ALA A 405 -18.08 8.77 1.06
N TYR A 406 -18.30 7.54 0.61
CA TYR A 406 -17.43 6.45 1.01
C TYR A 406 -16.30 6.45 -0.01
N THR A 407 -15.07 6.26 0.47
CA THR A 407 -13.93 6.26 -0.43
C THR A 407 -12.73 5.50 0.10
N ASN A 408 -11.86 5.10 -0.83
CA ASN A 408 -10.63 4.41 -0.49
C ASN A 408 -9.56 5.47 -0.69
N TYR A 409 -8.32 5.15 -0.34
CA TYR A 409 -7.21 6.09 -0.46
C TYR A 409 -5.98 5.37 -0.98
N PHE A 410 -5.00 6.14 -1.45
CA PHE A 410 -3.75 5.56 -1.89
C PHE A 410 -3.08 5.06 -0.61
N HIS A 411 -2.18 4.09 -0.74
CA HIS A 411 -1.51 3.52 0.44
C HIS A 411 0.00 3.51 0.20
N GLY A 412 0.72 4.30 0.99
CA GLY A 412 2.15 4.39 0.82
C GLY A 412 2.98 3.39 1.63
N ALA A 413 4.29 3.61 1.62
CA ALA A 413 5.21 2.75 2.36
C ALA A 413 5.15 3.16 3.82
N ASP A 414 4.61 4.35 4.07
CA ASP A 414 4.46 4.85 5.43
C ASP A 414 3.15 5.65 5.44
N PRO A 415 2.72 6.14 6.61
CA PRO A 415 1.47 6.90 6.69
C PRO A 415 1.35 8.21 5.91
N PHE A 416 2.47 8.76 5.46
CA PHE A 416 2.44 10.01 4.71
C PHE A 416 1.42 10.08 3.57
N THR A 417 1.53 9.16 2.61
CA THR A 417 0.62 9.16 1.47
C THR A 417 -0.84 9.32 1.90
N TYR A 418 -1.26 8.55 2.90
CA TYR A 418 -2.62 8.64 3.38
C TYR A 418 -2.90 9.99 4.03
N TRP A 419 -2.07 10.39 4.98
CA TRP A 419 -2.29 11.64 5.68
C TRP A 419 -2.16 12.89 4.84
N ASN A 420 -1.19 12.91 3.93
CA ASN A 420 -1.00 14.10 3.10
C ASN A 420 -2.13 14.25 2.08
N SER A 421 -2.35 13.23 1.25
CA SER A 421 -3.40 13.30 0.23
C SER A 421 -4.77 13.42 0.86
N GLY A 422 -4.95 12.82 2.04
CA GLY A 422 -6.25 12.89 2.67
C GLY A 422 -6.55 14.07 3.55
N TYR A 423 -5.54 14.82 3.96
CA TYR A 423 -5.77 15.94 4.87
C TYR A 423 -5.06 17.27 4.59
N ASN A 424 -4.09 17.30 3.67
CA ASN A 424 -3.37 18.56 3.42
C ASN A 424 -4.28 19.60 2.77
N SER A 425 -4.50 20.71 3.49
CA SER A 425 -5.39 21.76 3.00
C SER A 425 -5.01 22.35 1.66
N ALA A 426 -3.74 22.28 1.29
CA ALA A 426 -3.32 22.84 0.01
C ALA A 426 -3.84 22.02 -1.16
N LEU A 427 -4.29 20.80 -0.86
CA LEU A 427 -4.83 19.91 -1.89
C LEU A 427 -6.34 20.05 -2.07
N GLN A 428 -6.96 20.90 -1.26
CA GLN A 428 -8.41 21.07 -1.36
C GLN A 428 -8.80 22.08 -2.43
N SER A 429 -7.81 22.58 -3.17
CA SER A 429 -8.09 23.55 -4.21
C SER A 429 -7.06 23.53 -5.33
N GLY A 430 -7.41 24.18 -6.44
CA GLY A 430 -6.54 24.21 -7.59
C GLY A 430 -7.21 23.35 -8.64
N ASP A 431 -6.75 23.46 -9.88
CA ASP A 431 -7.33 22.67 -10.96
C ASP A 431 -6.63 21.32 -11.14
N GLY A 432 -7.43 20.27 -11.26
CA GLY A 432 -6.90 18.93 -11.45
C GLY A 432 -6.58 18.17 -10.18
N MET A 433 -7.18 18.58 -9.07
CA MET A 433 -6.93 17.93 -7.78
C MET A 433 -7.83 16.73 -7.56
N PRO A 434 -7.33 15.71 -6.85
CA PRO A 434 -8.14 14.51 -6.59
C PRO A 434 -9.14 14.79 -5.46
N ARG A 435 -9.99 13.81 -5.18
CA ARG A 435 -11.02 13.96 -4.16
C ARG A 435 -10.58 13.75 -2.71
N PHE A 436 -9.47 13.05 -2.53
CA PHE A 436 -8.98 12.68 -1.19
C PHE A 436 -8.98 13.64 -0.03
N ALA A 437 -8.66 14.91 -0.26
CA ALA A 437 -8.63 15.87 0.83
C ALA A 437 -9.88 16.74 0.87
N MET A 438 -10.81 16.47 -0.05
CA MET A 438 -12.03 17.26 -0.18
C MET A 438 -13.11 17.17 0.91
N HIS A 439 -12.71 17.24 2.17
CA HIS A 439 -13.66 17.22 3.26
C HIS A 439 -13.76 18.68 3.73
N TYR A 440 -12.78 19.46 3.30
CA TYR A 440 -12.69 20.90 3.57
C TYR A 440 -12.41 21.31 5.01
N PHE A 441 -11.86 20.38 5.79
CA PHE A 441 -11.48 20.69 7.17
C PHE A 441 -10.10 21.31 7.03
N THR A 442 -9.84 22.38 7.77
CA THR A 442 -8.55 23.06 7.70
C THR A 442 -7.91 23.26 9.06
N ASP A 443 -6.58 23.19 9.09
CA ASP A 443 -5.80 23.41 10.30
C ASP A 443 -4.36 23.70 9.90
N LYS A 444 -3.95 24.93 10.18
CA LYS A 444 -2.62 25.43 9.86
C LYS A 444 -1.50 24.57 10.46
N LYS A 445 -1.66 24.14 11.70
CA LYS A 445 -0.63 23.33 12.34
C LYS A 445 -0.47 21.98 11.65
N LEU A 446 -1.58 21.29 11.45
CA LEU A 446 -1.58 20.00 10.77
C LEU A 446 -0.79 20.07 9.44
N ASP A 447 -1.15 21.06 8.61
CA ASP A 447 -0.47 21.26 7.33
C ASP A 447 1.02 21.44 7.58
N GLY A 448 1.36 22.21 8.62
CA GLY A 448 2.75 22.44 8.94
C GLY A 448 3.51 21.14 9.17
N LEU A 449 2.91 20.24 9.92
CA LEU A 449 3.53 18.96 10.22
C LEU A 449 3.67 18.10 8.97
N LEU A 450 2.61 18.04 8.16
CA LEU A 450 2.65 17.24 6.93
C LEU A 450 3.76 17.70 5.99
N ASP A 451 3.88 19.01 5.83
CA ASP A 451 4.90 19.58 4.95
C ASP A 451 6.32 19.46 5.50
N SER A 452 6.45 19.02 6.75
CA SER A 452 7.77 18.86 7.36
C SER A 452 8.14 17.39 7.53
N PHE A 453 7.20 16.51 7.23
CA PHE A 453 7.42 15.07 7.39
C PHE A 453 8.71 14.56 6.73
N TYR A 454 8.98 15.03 5.52
CA TYR A 454 10.19 14.58 4.83
C TYR A 454 11.27 15.67 4.84
N LYS A 455 11.12 16.67 5.69
CA LYS A 455 12.13 17.69 5.72
C LYS A 455 13.10 17.49 6.89
N THR A 456 13.23 16.22 7.27
CA THR A 456 14.17 15.76 8.30
C THR A 456 14.43 14.28 8.09
N ALA A 457 15.69 13.89 8.19
CA ALA A 457 16.07 12.50 8.04
C ALA A 457 16.20 11.88 9.42
N ASP A 458 15.94 12.68 10.46
CA ASP A 458 16.01 12.18 11.83
C ASP A 458 14.72 11.43 12.13
N LYS A 459 14.82 10.10 12.12
CA LYS A 459 13.68 9.21 12.37
C LYS A 459 12.81 9.55 13.58
N ASN A 460 13.42 9.73 14.75
CA ASN A 460 12.64 10.04 15.95
C ASN A 460 11.90 11.36 15.86
N GLU A 461 12.51 12.32 15.16
CA GLU A 461 11.93 13.64 14.96
C GLU A 461 10.70 13.42 14.08
N GLN A 462 10.93 12.66 13.01
CA GLN A 462 9.89 12.33 12.04
C GLN A 462 8.78 11.57 12.76
N LEU A 463 9.18 10.68 13.64
CA LEU A 463 8.22 9.90 14.39
C LEU A 463 7.36 10.84 15.25
N ALA A 464 7.99 11.86 15.82
CA ALA A 464 7.29 12.81 16.66
C ALA A 464 6.29 13.57 15.79
N ILE A 465 6.71 13.91 14.57
CA ILE A 465 5.85 14.64 13.65
C ILE A 465 4.62 13.77 13.36
N ALA A 466 4.83 12.47 13.26
CA ALA A 466 3.74 11.54 13.00
C ALA A 466 2.72 11.62 14.13
N HIS A 467 3.21 11.52 15.36
CA HIS A 467 2.35 11.59 16.53
C HIS A 467 1.59 12.90 16.54
N GLY A 468 2.23 13.97 16.06
CA GLY A 468 1.60 15.27 16.04
C GLY A 468 0.43 15.32 15.05
N ILE A 469 0.59 14.66 13.90
CA ILE A 469 -0.46 14.61 12.89
C ILE A 469 -1.62 13.78 13.44
N GLN A 470 -1.27 12.64 14.01
CA GLN A 470 -2.24 11.72 14.55
C GLN A 470 -3.16 12.35 15.59
N LYS A 471 -2.60 13.17 16.47
CA LYS A 471 -3.41 13.81 17.50
C LYS A 471 -4.38 14.82 16.90
N ILE A 472 -3.91 15.65 15.98
CA ILE A 472 -4.79 16.65 15.37
C ILE A 472 -5.96 15.98 14.64
N ILE A 473 -5.67 14.96 13.83
CA ILE A 473 -6.73 14.30 13.09
C ILE A 473 -7.71 13.57 13.99
N ALA A 474 -7.18 12.80 14.94
CA ALA A 474 -8.02 12.04 15.85
C ALA A 474 -8.92 12.88 16.76
N GLU A 475 -8.39 13.95 17.35
CA GLU A 475 -9.19 14.77 18.25
C GLU A 475 -10.33 15.48 17.54
N ASN A 476 -10.16 15.75 16.25
CA ASN A 476 -11.20 16.40 15.48
C ASN A 476 -12.07 15.41 14.70
N GLN A 477 -11.75 14.12 14.79
CA GLN A 477 -12.52 13.09 14.10
C GLN A 477 -12.86 13.63 12.71
N VAL A 478 -11.85 14.08 11.98
CA VAL A 478 -12.04 14.66 10.64
C VAL A 478 -12.89 13.80 9.72
N THR A 479 -12.58 12.52 9.63
CA THR A 479 -13.36 11.62 8.78
C THR A 479 -13.79 10.44 9.65
N ILE A 480 -14.46 9.48 9.03
CA ILE A 480 -14.91 8.32 9.76
C ILE A 480 -14.27 7.08 9.15
N PRO A 481 -13.05 6.76 9.58
CA PRO A 481 -12.37 5.58 9.03
C PRO A 481 -13.13 4.30 9.35
N VAL A 482 -13.16 3.39 8.38
CA VAL A 482 -13.90 2.14 8.54
C VAL A 482 -13.04 0.89 8.55
N MET A 483 -12.19 0.75 7.53
CA MET A 483 -11.38 -0.45 7.42
C MET A 483 -10.10 -0.24 6.64
N SER A 484 -9.32 -1.31 6.58
CA SER A 484 -8.07 -1.34 5.83
C SER A 484 -8.32 -2.46 4.84
N GLY A 485 -7.88 -2.29 3.61
CA GLY A 485 -8.07 -3.34 2.62
C GLY A 485 -7.21 -4.51 3.05
N ALA A 486 -7.12 -5.53 2.19
CA ALA A 486 -6.31 -6.69 2.50
C ALA A 486 -5.22 -6.94 1.48
N TRP A 487 -4.09 -7.45 1.95
CA TRP A 487 -3.00 -7.81 1.05
C TRP A 487 -3.31 -9.26 0.75
N MET A 488 -3.48 -9.60 -0.53
CA MET A 488 -3.79 -10.97 -0.89
C MET A 488 -2.53 -11.82 -0.81
N TYR A 489 -2.66 -12.96 -0.14
CA TYR A 489 -1.52 -13.86 0.04
C TYR A 489 -1.94 -15.23 0.57
N GLN A 490 -1.59 -16.27 -0.17
CA GLN A 490 -1.89 -17.63 0.24
C GLN A 490 -0.60 -18.45 0.16
N TYR A 491 -0.38 -19.33 1.14
CA TYR A 491 0.81 -20.16 1.12
C TYR A 491 0.49 -21.61 1.44
N ASN A 492 1.32 -22.50 0.92
CA ASN A 492 1.15 -23.94 1.11
C ASN A 492 2.34 -24.48 1.91
N THR A 493 2.09 -25.20 2.99
CA THR A 493 3.18 -25.75 3.79
C THR A 493 3.56 -27.17 3.39
N THR A 494 2.99 -27.67 2.30
CA THR A 494 3.29 -29.03 1.89
C THR A 494 4.78 -29.21 1.57
N ARG A 495 5.38 -28.21 0.92
CA ARG A 495 6.77 -28.31 0.52
C ARG A 495 7.77 -27.37 1.17
N PHE A 496 7.29 -26.32 1.81
CA PHE A 496 8.20 -25.36 2.45
C PHE A 496 7.65 -24.84 3.77
N THR A 497 8.55 -24.40 4.64
CA THR A 497 8.18 -23.82 5.93
C THR A 497 8.92 -22.48 6.01
N GLY A 498 8.58 -21.68 7.01
CA GLY A 498 9.23 -20.39 7.17
C GLY A 498 8.38 -19.24 6.66
N TRP A 499 7.23 -19.57 6.09
CA TRP A 499 6.31 -18.59 5.55
C TRP A 499 5.95 -17.52 6.57
N TRP A 500 5.67 -16.32 6.09
CA TRP A 500 5.27 -15.23 6.97
C TRP A 500 3.78 -15.44 7.22
N SER A 501 3.28 -14.94 8.35
CA SER A 501 1.86 -15.10 8.68
C SER A 501 1.47 -14.25 9.88
N GLU A 502 0.21 -14.36 10.31
CA GLU A 502 -0.26 -13.59 11.46
C GLU A 502 0.60 -13.94 12.66
N GLU A 503 0.99 -15.21 12.75
CA GLU A 503 1.81 -15.73 13.85
C GLU A 503 3.31 -15.42 13.65
N ASN A 504 3.69 -15.11 12.41
CA ASN A 504 5.08 -14.79 12.08
C ASN A 504 5.03 -13.63 11.08
N PRO A 505 4.55 -12.45 11.54
CA PRO A 505 4.39 -11.22 10.74
C PRO A 505 5.65 -10.42 10.44
N LYS A 506 6.57 -10.99 9.69
CA LYS A 506 7.83 -10.33 9.37
C LYS A 506 7.72 -9.19 8.34
N GLY A 507 6.63 -9.17 7.57
CA GLY A 507 6.46 -8.12 6.58
C GLY A 507 5.35 -8.40 5.59
N ARG A 508 5.21 -7.53 4.59
CA ARG A 508 4.19 -7.71 3.56
C ARG A 508 4.53 -9.03 2.85
N PRO A 509 3.64 -10.02 2.99
CA PRO A 509 3.76 -11.37 2.43
C PRO A 509 3.49 -11.62 0.94
N SER A 510 2.91 -10.66 0.24
CA SER A 510 2.58 -10.85 -1.18
C SER A 510 3.77 -11.17 -2.08
N VAL A 511 3.52 -11.98 -3.11
CA VAL A 511 4.54 -12.39 -4.07
C VAL A 511 4.57 -11.50 -5.33
N TRP A 512 3.72 -10.48 -5.37
CA TRP A 512 3.65 -9.58 -6.52
C TRP A 512 4.92 -8.80 -6.80
N ALA A 513 5.12 -8.45 -8.06
CA ALA A 513 6.25 -7.59 -8.44
C ALA A 513 5.74 -6.28 -7.86
N GLY A 514 6.62 -5.49 -7.25
CA GLY A 514 6.16 -4.25 -6.65
C GLY A 514 6.22 -4.37 -5.14
N ILE A 515 6.50 -5.58 -4.64
CA ILE A 515 6.65 -5.81 -3.21
C ILE A 515 8.08 -6.32 -3.03
N PRO A 516 9.02 -5.38 -2.84
CA PRO A 516 10.44 -5.70 -2.66
C PRO A 516 10.70 -6.65 -1.51
N GLU A 517 9.83 -6.64 -0.51
CA GLU A 517 10.00 -7.53 0.62
C GLU A 517 9.95 -9.01 0.20
N ARG A 518 9.40 -9.30 -0.97
CA ARG A 518 9.32 -10.70 -1.40
C ARG A 518 10.69 -11.36 -1.48
N LEU A 519 11.75 -10.57 -1.60
CA LEU A 519 13.09 -11.12 -1.66
C LEU A 519 13.46 -11.68 -0.29
N LEU A 520 13.19 -10.89 0.74
CA LEU A 520 13.49 -11.29 2.11
C LEU A 520 12.62 -12.48 2.50
N HIS A 521 11.41 -12.52 1.98
CA HIS A 521 10.46 -13.59 2.27
C HIS A 521 10.97 -14.92 1.71
N VAL A 522 11.29 -14.95 0.42
CA VAL A 522 11.77 -16.18 -0.21
C VAL A 522 13.02 -16.70 0.50
N LEU A 523 13.79 -15.80 1.10
CA LEU A 523 15.01 -16.20 1.79
C LEU A 523 14.75 -16.86 3.14
N ASP A 524 13.52 -16.73 3.65
CA ASP A 524 13.16 -17.35 4.92
C ASP A 524 12.54 -18.73 4.68
N LEU A 525 12.33 -19.07 3.41
CA LEU A 525 11.74 -20.35 3.04
C LEU A 525 12.72 -21.52 3.12
N LYS A 526 12.25 -22.62 3.69
CA LYS A 526 13.07 -23.82 3.84
C LYS A 526 12.33 -25.03 3.30
N PRO A 527 12.96 -25.81 2.40
CA PRO A 527 12.21 -26.95 1.91
C PRO A 527 11.85 -27.94 3.01
N VAL A 528 10.83 -28.73 2.74
CA VAL A 528 10.35 -29.74 3.66
C VAL A 528 11.08 -31.07 3.39
S SO4 B . 6.46 -1.12 -22.65
O1 SO4 B . 5.39 -0.13 -22.91
O2 SO4 B . 7.18 -1.46 -23.92
O3 SO4 B . 7.44 -0.55 -21.68
O4 SO4 B . 5.85 -2.38 -22.09
S SO4 C . -9.05 6.23 -7.67
O1 SO4 C . -8.75 7.66 -7.33
O2 SO4 C . -7.89 5.64 -8.41
O3 SO4 C . -9.27 5.44 -6.41
O4 SO4 C . -10.27 6.17 -8.53
S SO4 D . -13.44 17.22 22.51
O1 SO4 D . -13.00 17.52 23.93
O2 SO4 D . -12.43 16.33 21.86
O3 SO4 D . -14.77 16.53 22.54
O4 SO4 D . -13.55 18.50 21.75
#